data_1VNS
#
_entry.id   1VNS
#
_cell.length_a   130.040
_cell.length_b   130.040
_cell.length_c   112.150
_cell.angle_alpha   90.00
_cell.angle_beta   90.00
_cell.angle_gamma   120.00
#
_symmetry.space_group_name_H-M   'H 3'
#
loop_
_entity.id
_entity.type
_entity.pdbx_description
1 polymer 'VANADIUM CHLOROPEROXIDASE'
2 non-polymer 'SULFATE ION'
3 water water
#
_entity_poly.entity_id   1
_entity_poly.type   'polypeptide(L)'
_entity_poly.pdbx_seq_one_letter_code
;MGSVTPIPLPKIDEPEEYNTNYILFWNHVGLELNRVTHTVGGPLTGPPLSARALGMLHLAIHDAYFSICPPTDFTTFLSP
DTENAAYRLPSPNGANDARQAVAGAALKMLSSLYMKPVEQPNPNPGANISDNAYAQLGLVLDRSVLEAPGGVDRESASFM
FGEDVADVFFALLNDPRGASQEGYHPTPGRYKFDDEPTHPVVLIPVDPNNPNGPKMPFRQYHAPFYGKTTKRFATQSEHF
LADPPGLRSNADETAEYDDAVRVAIAMGGAQALNSTKRSPWQTAQGLYWAYDGSNLIGTPPRFYNQIVRRIAVTYKKEED
LANSEVNNADFARLFALVDVACTDAGIFSWKEKWEFEFWRPLSGVRDDGRPDHGDPFWLTLGAPATNTNDIPFKPPFPAY
PSGHATFGGAVFQMVRRYYNGRVGTWKDDEPDNIAIDMMISEELNGVNRDLRQPYDPTAPIEDQPGIVRTRIVRHFDSAW
ELMFENAISRIFLGVHWRFDAAAARDILIPTTTKDVYAVDNNGATVFQNVEDIRYTTRGTREDEEGLFPIGGVPLGIEIA
DEIFNNGLKPTPPEIQPMPQETPVQKPVGQQPVKGMWEEEQAPVVKEAP
;
_entity_poly.pdbx_strand_id   A
#
loop_
_chem_comp.id
_chem_comp.type
_chem_comp.name
_chem_comp.formula
SO4 non-polymer 'SULFATE ION' 'O4 S -2'
#
# COMPACT_ATOMS: atom_id res chain seq x y z
N VAL A 4 5.51 30.33 0.28
CA VAL A 4 4.72 29.06 0.20
C VAL A 4 3.89 28.97 1.47
N THR A 5 2.57 28.85 1.32
CA THR A 5 1.69 28.74 2.46
C THR A 5 1.65 27.26 2.85
N PRO A 6 2.12 26.92 4.05
CA PRO A 6 2.13 25.53 4.49
C PRO A 6 0.72 24.93 4.51
N ILE A 7 0.55 23.77 3.90
CA ILE A 7 -0.75 23.11 3.89
C ILE A 7 -1.09 22.74 5.33
N PRO A 8 -2.28 23.14 5.81
CA PRO A 8 -2.71 22.80 7.17
C PRO A 8 -3.16 21.33 7.20
N LEU A 9 -2.31 20.46 7.76
CA LEU A 9 -2.62 19.04 7.83
C LEU A 9 -3.51 18.72 9.03
N PRO A 10 -4.56 17.90 8.82
CA PRO A 10 -5.44 17.56 9.94
C PRO A 10 -4.76 16.67 10.98
N LYS A 11 -5.28 16.69 12.21
CA LYS A 11 -4.73 15.89 13.31
C LYS A 11 -4.77 14.39 13.03
N ILE A 12 -3.75 13.70 13.49
CA ILE A 12 -3.66 12.26 13.33
C ILE A 12 -4.24 11.60 14.59
N ASP A 13 -5.01 10.55 14.38
CA ASP A 13 -5.63 9.83 15.49
C ASP A 13 -4.71 8.74 16.05
N GLU A 14 -3.83 9.13 16.94
CA GLU A 14 -2.93 8.20 17.63
C GLU A 14 -2.34 8.91 18.82
N PRO A 15 -1.94 8.16 19.86
CA PRO A 15 -1.36 8.74 21.07
C PRO A 15 -0.11 9.57 20.79
N GLU A 16 -0.02 10.74 21.41
CA GLU A 16 1.13 11.62 21.21
C GLU A 16 2.42 10.94 21.63
N GLU A 17 2.35 10.06 22.62
CA GLU A 17 3.53 9.36 23.10
C GLU A 17 4.26 8.55 22.06
N TYR A 18 3.57 8.11 21.01
CA TYR A 18 4.20 7.32 19.96
C TYR A 18 5.45 8.02 19.42
N ASN A 19 5.29 9.30 19.07
CA ASN A 19 6.39 10.06 18.51
C ASN A 19 7.54 10.44 19.45
N THR A 20 7.51 9.96 20.69
CA THR A 20 8.61 10.21 21.63
C THR A 20 9.69 9.17 21.35
N ASN A 21 9.33 8.14 20.59
CA ASN A 21 10.26 7.11 20.18
C ASN A 21 10.79 7.56 18.83
N TYR A 22 12.11 7.67 18.68
CA TYR A 22 12.67 8.14 17.41
C TYR A 22 12.47 7.25 16.19
N ILE A 23 12.30 5.94 16.39
CA ILE A 23 12.08 5.04 15.26
C ILE A 23 10.67 5.37 14.74
N LEU A 24 9.72 5.47 15.66
CA LEU A 24 8.35 5.79 15.30
C LEU A 24 8.26 7.20 14.73
N PHE A 25 9.04 8.14 15.27
CA PHE A 25 9.01 9.49 14.74
C PHE A 25 9.37 9.54 13.25
N TRP A 26 10.48 8.91 12.88
CA TRP A 26 10.90 8.92 11.49
C TRP A 26 9.93 8.18 10.58
N ASN A 27 9.29 7.14 11.10
CA ASN A 27 8.27 6.40 10.35
C ASN A 27 7.15 7.42 10.07
N HIS A 28 6.76 8.13 11.12
CA HIS A 28 5.72 9.16 11.04
C HIS A 28 6.05 10.22 9.98
N VAL A 29 7.32 10.63 9.91
CA VAL A 29 7.76 11.62 8.92
C VAL A 29 7.54 11.04 7.52
N GLY A 30 7.94 9.79 7.33
CA GLY A 30 7.75 9.14 6.05
C GLY A 30 6.28 9.13 5.67
N LEU A 31 5.41 8.89 6.66
CA LEU A 31 3.98 8.86 6.43
C LEU A 31 3.45 10.26 6.09
N GLU A 32 4.03 11.28 6.72
CA GLU A 32 3.62 12.65 6.45
C GLU A 32 3.93 13.04 5.01
N LEU A 33 5.12 12.66 4.55
CA LEU A 33 5.53 12.94 3.18
C LEU A 33 4.60 12.17 2.22
N ASN A 34 4.20 10.96 2.64
CA ASN A 34 3.28 10.16 1.84
C ASN A 34 1.99 10.95 1.60
N ARG A 35 1.33 11.42 2.66
CA ARG A 35 0.10 12.16 2.48
C ARG A 35 0.24 13.52 1.80
N VAL A 36 1.32 14.23 2.08
CA VAL A 36 1.55 15.53 1.47
C VAL A 36 1.83 15.39 -0.05
N THR A 37 2.63 14.40 -0.44
CA THR A 37 2.92 14.21 -1.86
C THR A 37 1.66 13.87 -2.67
N HIS A 38 0.69 13.23 -2.03
CA HIS A 38 -0.55 12.88 -2.69
C HIS A 38 -1.57 14.02 -2.65
N THR A 39 -1.22 15.10 -1.95
CA THR A 39 -2.06 16.29 -1.86
C THR A 39 -1.54 17.31 -2.88
N VAL A 40 -0.22 17.35 -3.07
CA VAL A 40 0.41 18.29 -3.99
C VAL A 40 0.84 17.70 -5.33
N GLY A 41 0.76 16.38 -5.47
CA GLY A 41 1.17 15.73 -6.70
C GLY A 41 2.70 15.77 -6.84
N GLY A 42 3.39 15.28 -5.82
CA GLY A 42 4.84 15.26 -5.85
C GLY A 42 5.40 13.93 -6.29
N PRO A 43 6.66 13.62 -5.94
CA PRO A 43 7.26 12.34 -6.32
C PRO A 43 6.78 11.17 -5.46
N LEU A 44 7.00 9.96 -5.96
CA LEU A 44 6.63 8.75 -5.24
C LEU A 44 5.14 8.58 -4.95
N THR A 45 4.30 8.99 -5.89
CA THR A 45 2.86 8.84 -5.73
C THR A 45 2.44 7.46 -6.21
N GLY A 46 1.23 7.04 -5.84
CA GLY A 46 0.75 5.73 -6.24
C GLY A 46 1.09 4.68 -5.20
N PRO A 47 0.37 3.55 -5.20
CA PRO A 47 0.60 2.46 -4.24
C PRO A 47 1.96 1.76 -4.22
N PRO A 48 2.42 1.17 -5.34
CA PRO A 48 3.72 0.51 -5.30
C PRO A 48 4.95 1.37 -4.96
N LEU A 49 5.07 2.55 -5.58
CA LEU A 49 6.22 3.41 -5.30
C LEU A 49 6.17 4.04 -3.92
N SER A 50 4.98 4.34 -3.41
CA SER A 50 4.89 4.91 -2.08
C SER A 50 5.33 3.82 -1.08
N ALA A 51 5.01 2.56 -1.39
CA ALA A 51 5.42 1.44 -0.54
C ALA A 51 6.96 1.36 -0.57
N ARG A 52 7.53 1.43 -1.78
CA ARG A 52 8.98 1.37 -1.97
C ARG A 52 9.69 2.44 -1.13
N ALA A 53 9.15 3.67 -1.15
CA ALA A 53 9.73 4.76 -0.37
C ALA A 53 9.86 4.38 1.12
N LEU A 54 8.81 3.80 1.68
CA LEU A 54 8.80 3.37 3.08
C LEU A 54 9.74 2.20 3.33
N GLY A 55 9.83 1.30 2.36
CA GLY A 55 10.73 0.17 2.47
C GLY A 55 12.17 0.68 2.53
N MET A 56 12.50 1.62 1.65
CA MET A 56 13.84 2.21 1.59
C MET A 56 14.16 2.96 2.88
N LEU A 57 13.19 3.74 3.35
CA LEU A 57 13.37 4.50 4.59
C LEU A 57 13.71 3.56 5.74
N HIS A 58 12.90 2.53 5.92
CA HIS A 58 13.13 1.60 7.01
C HIS A 58 14.31 0.67 6.89
N LEU A 59 14.74 0.41 5.66
CA LEU A 59 15.92 -0.43 5.43
C LEU A 59 17.13 0.40 5.88
N ALA A 60 17.13 1.69 5.51
CA ALA A 60 18.19 2.61 5.90
C ALA A 60 18.24 2.76 7.43
N ILE A 61 17.08 3.01 8.03
CA ILE A 61 17.00 3.14 9.49
C ILE A 61 17.50 1.85 10.13
N HIS A 62 17.05 0.71 9.60
CA HIS A 62 17.42 -0.61 10.12
C HIS A 62 18.93 -0.82 10.17
N ASP A 63 19.60 -0.66 9.04
CA ASP A 63 21.04 -0.87 9.02
C ASP A 63 21.85 0.14 9.79
N ALA A 64 21.37 1.39 9.84
CA ALA A 64 22.07 2.42 10.60
C ALA A 64 22.04 2.03 12.08
N TYR A 65 20.85 1.71 12.57
CA TYR A 65 20.65 1.33 13.97
C TYR A 65 21.39 0.06 14.37
N PHE A 66 21.17 -1.02 13.62
CA PHE A 66 21.81 -2.28 13.94
C PHE A 66 23.30 -2.35 13.72
N SER A 67 23.86 -1.34 13.06
CA SER A 67 25.30 -1.27 12.87
C SER A 67 25.87 -0.74 14.17
N ILE A 68 25.12 0.17 14.80
CA ILE A 68 25.53 0.77 16.06
C ILE A 68 25.17 -0.12 17.25
N CYS A 69 24.05 -0.83 17.15
CA CYS A 69 23.61 -1.73 18.19
C CYS A 69 23.40 -3.09 17.52
N PRO A 70 24.49 -3.85 17.30
CA PRO A 70 24.47 -5.16 16.66
C PRO A 70 23.47 -6.15 17.26
N PRO A 71 22.62 -6.74 16.40
CA PRO A 71 21.59 -7.71 16.79
C PRO A 71 22.19 -9.11 16.95
N THR A 72 21.51 -9.97 17.69
CA THR A 72 21.99 -11.34 17.90
C THR A 72 21.27 -12.40 17.07
N ASP A 73 19.95 -12.24 16.93
CA ASP A 73 19.14 -13.20 16.17
C ASP A 73 19.11 -13.01 14.64
N PHE A 74 19.70 -11.91 14.16
CA PHE A 74 19.74 -11.62 12.74
C PHE A 74 20.88 -10.65 12.48
N THR A 75 21.03 -10.23 11.23
CA THR A 75 22.10 -9.31 10.87
C THR A 75 21.55 -8.13 10.09
N THR A 76 22.45 -7.22 9.72
CA THR A 76 22.09 -6.06 8.93
C THR A 76 21.75 -6.59 7.53
N PHE A 77 20.85 -5.89 6.84
CA PHE A 77 20.42 -6.26 5.50
C PHE A 77 21.66 -6.34 4.61
N LEU A 78 22.46 -5.27 4.65
CA LEU A 78 23.70 -5.19 3.89
C LEU A 78 24.86 -5.46 4.84
N SER A 79 25.95 -5.97 4.29
CA SER A 79 27.13 -6.28 5.08
C SER A 79 28.23 -5.26 4.82
N PRO A 80 28.99 -4.87 5.86
CA PRO A 80 30.07 -3.90 5.72
C PRO A 80 31.28 -4.54 5.04
N ASP A 81 31.26 -5.86 4.95
CA ASP A 81 32.37 -6.61 4.36
C ASP A 81 32.07 -7.14 2.95
N THR A 82 31.03 -6.62 2.33
CA THR A 82 30.65 -7.05 0.99
C THR A 82 31.58 -6.44 -0.04
N GLU A 83 32.14 -7.28 -0.90
CA GLU A 83 33.04 -6.83 -1.96
C GLU A 83 32.28 -5.98 -2.98
N ASN A 84 31.04 -6.36 -3.25
CA ASN A 84 30.22 -5.61 -4.20
C ASN A 84 29.91 -4.27 -3.57
N ALA A 85 30.56 -3.23 -4.09
CA ALA A 85 30.39 -1.87 -3.58
C ALA A 85 28.93 -1.45 -3.47
N ALA A 86 28.12 -1.83 -4.46
CA ALA A 86 26.70 -1.47 -4.48
C ALA A 86 25.95 -2.02 -3.28
N TYR A 87 26.45 -3.12 -2.73
CA TYR A 87 25.85 -3.77 -1.57
C TYR A 87 26.70 -3.65 -0.31
N ARG A 88 27.76 -2.85 -0.34
CA ARG A 88 28.60 -2.72 0.83
C ARG A 88 28.10 -1.66 1.81
N LEU A 89 27.78 -2.09 3.02
CA LEU A 89 27.30 -1.19 4.07
C LEU A 89 28.47 -0.42 4.67
N PRO A 90 28.32 0.90 4.86
CA PRO A 90 29.38 1.73 5.45
C PRO A 90 29.65 1.28 6.88
N SER A 91 30.86 1.49 7.37
CA SER A 91 31.22 1.12 8.73
C SER A 91 31.12 2.33 9.66
N PRO A 92 30.72 2.11 10.92
CA PRO A 92 30.58 3.15 11.94
C PRO A 92 31.91 3.81 12.29
N ASN A 93 32.94 2.98 12.43
CA ASN A 93 34.30 3.43 12.76
C ASN A 93 34.32 4.38 13.96
N GLY A 94 33.70 3.98 15.06
CA GLY A 94 33.68 4.83 16.23
C GLY A 94 32.32 5.40 16.57
N ALA A 95 31.54 5.77 15.56
CA ALA A 95 30.20 6.32 15.77
C ALA A 95 29.41 5.33 16.62
N ASN A 96 28.73 5.83 17.65
CA ASN A 96 27.97 4.97 18.54
C ASN A 96 26.68 5.60 19.07
N ASP A 97 26.16 6.61 18.37
CA ASP A 97 24.93 7.26 18.79
C ASP A 97 23.85 6.80 17.80
N ALA A 98 23.11 5.75 18.18
CA ALA A 98 22.06 5.18 17.35
C ALA A 98 20.98 6.19 16.98
N ARG A 99 20.64 7.07 17.92
CA ARG A 99 19.63 8.10 17.69
C ARG A 99 20.03 9.01 16.53
N GLN A 100 21.30 9.45 16.54
CA GLN A 100 21.79 10.32 15.48
C GLN A 100 22.02 9.54 14.18
N ALA A 101 22.41 8.28 14.30
CA ALA A 101 22.62 7.44 13.12
C ALA A 101 21.28 7.28 12.38
N VAL A 102 20.23 6.97 13.13
CA VAL A 102 18.89 6.82 12.55
C VAL A 102 18.42 8.14 11.93
N ALA A 103 18.65 9.24 12.64
CA ALA A 103 18.25 10.56 12.14
C ALA A 103 18.94 10.84 10.80
N GLY A 104 20.25 10.62 10.73
CA GLY A 104 20.99 10.86 9.51
C GLY A 104 20.48 9.99 8.37
N ALA A 105 20.25 8.72 8.65
CA ALA A 105 19.74 7.78 7.66
C ALA A 105 18.36 8.20 7.17
N ALA A 106 17.45 8.49 8.11
CA ALA A 106 16.09 8.90 7.79
C ALA A 106 16.03 10.20 7.00
N LEU A 107 16.71 11.23 7.48
CA LEU A 107 16.74 12.53 6.81
C LEU A 107 17.35 12.46 5.41
N LYS A 108 18.49 11.78 5.28
CA LYS A 108 19.14 11.67 3.97
C LYS A 108 18.27 10.92 2.98
N MET A 109 17.72 9.78 3.40
CA MET A 109 16.87 8.97 2.54
C MET A 109 15.64 9.75 2.07
N LEU A 110 14.92 10.35 3.02
CA LEU A 110 13.73 11.11 2.70
C LEU A 110 14.02 12.31 1.81
N SER A 111 15.14 12.99 2.08
CA SER A 111 15.54 14.13 1.26
C SER A 111 15.84 13.68 -0.17
N SER A 112 16.62 12.61 -0.31
CA SER A 112 16.96 12.08 -1.62
C SER A 112 15.68 11.69 -2.36
N LEU A 113 14.77 11.06 -1.64
CA LEU A 113 13.51 10.62 -2.21
C LEU A 113 12.56 11.74 -2.63
N TYR A 114 12.39 12.74 -1.77
CA TYR A 114 11.44 13.82 -2.07
C TYR A 114 11.92 15.17 -2.57
N MET A 115 13.22 15.44 -2.53
CA MET A 115 13.71 16.72 -3.00
C MET A 115 13.82 16.72 -4.53
N LYS A 116 13.76 17.90 -5.12
CA LYS A 116 13.82 18.04 -6.59
C LYS A 116 15.10 17.47 -7.20
N PRO A 117 14.97 16.46 -8.08
CA PRO A 117 16.11 15.84 -8.74
C PRO A 117 16.71 16.76 -9.80
N VAL A 118 17.32 17.86 -9.33
CA VAL A 118 17.93 18.85 -10.22
C VAL A 118 18.99 18.21 -11.12
N GLU A 119 19.69 17.20 -10.58
CA GLU A 119 20.73 16.51 -11.32
C GLU A 119 20.19 15.69 -12.49
N GLN A 120 19.92 16.37 -13.60
CA GLN A 120 19.41 15.74 -14.83
C GLN A 120 17.99 15.19 -14.76
N PRO A 121 17.72 14.32 -13.80
CA PRO A 121 16.39 13.70 -13.63
C PRO A 121 15.21 14.65 -13.68
N ASN A 122 15.46 15.95 -13.50
CA ASN A 122 14.40 16.96 -13.55
C ASN A 122 13.66 16.90 -14.88
N PRO A 123 14.41 16.61 -15.96
CA PRO A 123 13.83 16.50 -17.29
C PRO A 123 13.21 15.13 -17.48
N ASN A 124 12.05 15.09 -18.15
CA ASN A 124 11.33 13.87 -18.43
C ASN A 124 10.75 13.18 -17.20
N PRO A 125 11.62 12.66 -16.33
CA PRO A 125 11.19 11.97 -15.12
C PRO A 125 10.46 12.89 -14.13
N GLY A 126 11.16 13.91 -13.64
CA GLY A 126 10.57 14.85 -12.69
C GLY A 126 9.74 15.95 -13.37
N ALA A 127 9.80 16.01 -14.70
CA ALA A 127 9.05 17.01 -15.45
C ALA A 127 7.55 16.74 -15.42
N ASN A 128 6.96 16.96 -14.25
CA ASN A 128 5.54 16.73 -14.02
C ASN A 128 5.14 17.22 -12.63
N ILE A 129 6.14 17.53 -11.82
CA ILE A 129 5.92 17.99 -10.46
C ILE A 129 6.22 19.49 -10.37
N SER A 130 5.31 20.23 -9.76
CA SER A 130 5.46 21.67 -9.61
C SER A 130 6.48 22.01 -8.53
N ASP A 131 6.94 23.25 -8.53
CA ASP A 131 7.89 23.73 -7.53
C ASP A 131 7.19 23.79 -6.19
N ASN A 132 5.91 24.15 -6.20
CA ASN A 132 5.13 24.22 -4.97
C ASN A 132 5.07 22.84 -4.31
N ALA A 133 4.87 21.79 -5.12
CA ALA A 133 4.83 20.44 -4.61
C ALA A 133 6.11 20.16 -3.83
N TYR A 134 7.25 20.44 -4.47
CA TYR A 134 8.54 20.23 -3.81
C TYR A 134 8.69 21.11 -2.57
N ALA A 135 8.17 22.34 -2.65
CA ALA A 135 8.24 23.29 -1.53
C ALA A 135 7.47 22.79 -0.31
N GLN A 136 6.26 22.26 -0.55
CA GLN A 136 5.43 21.73 0.52
C GLN A 136 6.10 20.54 1.19
N LEU A 137 6.73 19.69 0.39
CA LEU A 137 7.43 18.52 0.92
C LEU A 137 8.68 18.95 1.71
N GLY A 138 9.33 20.01 1.24
CA GLY A 138 10.50 20.53 1.93
C GLY A 138 10.13 21.05 3.32
N LEU A 139 8.96 21.68 3.44
CA LEU A 139 8.47 22.18 4.72
C LEU A 139 8.39 21.04 5.73
N VAL A 140 7.85 19.90 5.30
CA VAL A 140 7.73 18.74 6.17
C VAL A 140 9.10 18.27 6.62
N LEU A 141 10.00 18.10 5.65
CA LEU A 141 11.38 17.67 5.91
C LEU A 141 12.09 18.59 6.90
N ASP A 142 12.03 19.89 6.64
CA ASP A 142 12.68 20.86 7.51
C ASP A 142 12.18 20.89 8.94
N ARG A 143 10.86 20.89 9.14
CA ARG A 143 10.33 20.93 10.50
C ARG A 143 10.53 19.62 11.24
N SER A 144 10.67 18.52 10.49
CA SER A 144 10.87 17.22 11.13
C SER A 144 12.20 17.21 11.91
N VAL A 145 13.19 17.91 11.36
CA VAL A 145 14.49 18.03 11.99
C VAL A 145 14.32 18.70 13.37
N LEU A 146 13.45 19.71 13.41
CA LEU A 146 13.17 20.45 14.63
C LEU A 146 12.29 19.67 15.61
N GLU A 147 11.44 18.80 15.08
CA GLU A 147 10.53 18.02 15.92
C GLU A 147 11.08 16.68 16.44
N ALA A 148 12.12 16.15 15.79
CA ALA A 148 12.73 14.88 16.18
C ALA A 148 13.02 14.81 17.68
N PRO A 149 12.53 13.76 18.38
CA PRO A 149 12.77 13.64 19.82
C PRO A 149 14.27 13.47 20.08
N GLY A 150 14.81 14.31 20.97
CA GLY A 150 16.22 14.23 21.29
C GLY A 150 17.05 15.13 20.39
N GLY A 151 16.42 15.72 19.39
CA GLY A 151 17.13 16.61 18.49
C GLY A 151 17.98 15.92 17.45
N VAL A 152 18.42 16.71 16.48
CA VAL A 152 19.25 16.24 15.38
C VAL A 152 20.58 17.01 15.41
N ASP A 153 21.68 16.28 15.41
CA ASP A 153 23.01 16.89 15.42
C ASP A 153 23.71 16.51 14.11
N ARG A 154 23.58 17.37 13.11
CA ARG A 154 24.18 17.12 11.80
C ARG A 154 25.71 16.99 11.82
N GLU A 155 26.34 17.55 12.84
CA GLU A 155 27.79 17.51 12.96
C GLU A 155 28.33 16.21 13.52
N SER A 156 27.47 15.41 14.15
CA SER A 156 27.92 14.16 14.74
C SER A 156 28.37 13.11 13.72
N ALA A 157 29.36 12.32 14.12
CA ALA A 157 29.89 11.24 13.30
C ALA A 157 28.77 10.26 13.01
N SER A 158 27.95 10.01 14.02
CA SER A 158 26.83 9.09 13.90
C SER A 158 25.83 9.57 12.85
N PHE A 159 25.51 10.87 12.86
CA PHE A 159 24.58 11.42 11.88
C PHE A 159 25.19 11.24 10.49
N MET A 160 26.46 11.57 10.35
CA MET A 160 27.15 11.44 9.07
C MET A 160 27.15 9.98 8.59
N PHE A 161 27.37 9.05 9.52
CA PHE A 161 27.36 7.63 9.21
C PHE A 161 25.97 7.26 8.68
N GLY A 162 24.93 7.72 9.36
CA GLY A 162 23.57 7.43 8.94
C GLY A 162 23.34 7.87 7.51
N GLU A 163 23.78 9.08 7.19
CA GLU A 163 23.64 9.62 5.83
C GLU A 163 24.34 8.69 4.84
N ASP A 164 25.53 8.22 5.25
CA ASP A 164 26.34 7.31 4.45
C ASP A 164 25.53 6.06 4.13
N VAL A 165 24.87 5.50 5.15
CA VAL A 165 24.05 4.32 4.99
C VAL A 165 22.93 4.59 3.98
N ALA A 166 22.19 5.66 4.19
CA ALA A 166 21.09 6.04 3.31
C ALA A 166 21.57 6.16 1.86
N ASP A 167 22.76 6.73 1.67
CA ASP A 167 23.32 6.89 0.32
C ASP A 167 23.43 5.56 -0.41
N VAL A 168 23.92 4.55 0.30
CA VAL A 168 24.07 3.23 -0.30
C VAL A 168 22.71 2.67 -0.72
N PHE A 169 21.75 2.68 0.20
CA PHE A 169 20.41 2.18 -0.09
C PHE A 169 19.70 2.95 -1.19
N PHE A 170 19.83 4.27 -1.20
CA PHE A 170 19.19 5.07 -2.23
C PHE A 170 19.78 4.72 -3.60
N ALA A 171 21.11 4.72 -3.69
CA ALA A 171 21.79 4.41 -4.94
C ALA A 171 21.40 3.02 -5.46
N LEU A 172 21.36 2.06 -4.56
CA LEU A 172 21.02 0.69 -4.90
C LEU A 172 19.56 0.44 -5.27
N LEU A 173 18.64 0.93 -4.43
CA LEU A 173 17.21 0.67 -4.63
C LEU A 173 16.30 1.70 -5.28
N ASN A 174 16.72 2.95 -5.38
CA ASN A 174 15.85 3.96 -6.00
C ASN A 174 15.52 3.60 -7.45
N ASP A 175 14.26 3.74 -7.81
CA ASP A 175 13.83 3.46 -9.18
C ASP A 175 13.16 4.73 -9.71
N PRO A 176 13.99 5.71 -10.11
CA PRO A 176 13.56 7.01 -10.63
C PRO A 176 12.43 7.00 -11.67
N ARG A 177 12.58 6.19 -12.71
CA ARG A 177 11.56 6.12 -13.77
C ARG A 177 10.70 4.87 -13.67
N GLY A 178 10.69 4.25 -12.49
CA GLY A 178 9.93 3.03 -12.28
C GLY A 178 8.46 3.07 -12.66
N ALA A 179 7.79 4.18 -12.37
CA ALA A 179 6.37 4.31 -12.68
C ALA A 179 6.03 4.80 -14.08
N SER A 180 7.04 4.93 -14.94
CA SER A 180 6.82 5.40 -16.31
C SER A 180 5.79 4.56 -17.08
N GLN A 181 4.91 5.24 -17.81
CA GLN A 181 3.91 4.57 -18.60
C GLN A 181 4.17 4.77 -20.09
N GLU A 182 5.25 5.47 -20.40
CA GLU A 182 5.61 5.76 -21.79
C GLU A 182 5.64 4.52 -22.66
N GLY A 183 4.82 4.54 -23.71
CA GLY A 183 4.76 3.42 -24.62
C GLY A 183 3.63 2.44 -24.35
N TYR A 184 3.06 2.46 -23.16
CA TYR A 184 1.96 1.54 -22.84
C TYR A 184 0.62 2.04 -23.33
N HIS A 185 -0.17 1.12 -23.87
CA HIS A 185 -1.51 1.41 -24.36
C HIS A 185 -2.34 0.15 -24.19
N PRO A 186 -3.60 0.31 -23.73
CA PRO A 186 -4.48 -0.83 -23.54
C PRO A 186 -4.77 -1.54 -24.86
N THR A 187 -5.15 -2.81 -24.76
CA THR A 187 -5.50 -3.62 -25.91
C THR A 187 -6.91 -4.11 -25.60
N PRO A 188 -7.93 -3.30 -25.94
CA PRO A 188 -9.34 -3.60 -25.72
C PRO A 188 -9.83 -4.96 -26.19
N GLY A 189 -10.73 -5.53 -25.41
CA GLY A 189 -11.29 -6.83 -25.72
C GLY A 189 -11.92 -7.39 -24.47
N ARG A 190 -12.56 -8.54 -24.56
CA ARG A 190 -13.18 -9.12 -23.37
C ARG A 190 -12.11 -9.40 -22.33
N TYR A 191 -12.39 -9.04 -21.08
CA TYR A 191 -11.47 -9.22 -19.95
C TYR A 191 -10.28 -8.28 -20.00
N LYS A 192 -10.24 -7.38 -20.97
CA LYS A 192 -9.10 -6.47 -21.10
C LYS A 192 -9.23 -5.11 -20.43
N PHE A 193 -8.21 -4.77 -19.66
CA PHE A 193 -8.14 -3.49 -18.97
C PHE A 193 -8.07 -2.38 -20.03
N ASP A 194 -8.75 -1.27 -19.75
CA ASP A 194 -8.76 -0.12 -20.62
C ASP A 194 -9.19 1.06 -19.74
N ASP A 195 -9.23 2.27 -20.30
CA ASP A 195 -9.62 3.42 -19.51
C ASP A 195 -11.01 3.26 -18.93
N GLU A 196 -11.07 3.58 -17.64
CA GLU A 196 -12.27 3.54 -16.83
C GLU A 196 -13.36 4.40 -17.49
N PRO A 197 -14.55 3.83 -17.78
CA PRO A 197 -15.62 4.60 -18.41
C PRO A 197 -16.16 5.88 -17.74
N THR A 198 -16.03 6.03 -16.41
CA THR A 198 -16.49 7.27 -15.79
C THR A 198 -15.38 8.34 -15.75
N HIS A 199 -14.15 7.92 -16.06
CA HIS A 199 -12.99 8.82 -16.12
C HIS A 199 -12.08 8.29 -17.24
N PRO A 200 -12.55 8.39 -18.51
CA PRO A 200 -11.81 7.93 -19.68
C PRO A 200 -10.58 8.76 -20.06
N VAL A 201 -10.56 10.00 -19.60
CA VAL A 201 -9.47 10.92 -19.89
C VAL A 201 -9.59 12.06 -18.89
N VAL A 202 -8.46 12.68 -18.54
CA VAL A 202 -8.47 13.81 -17.62
C VAL A 202 -7.68 14.94 -18.27
N LEU A 203 -8.00 16.16 -17.88
CA LEU A 203 -7.31 17.34 -18.41
C LEU A 203 -6.33 17.81 -17.36
N ILE A 204 -5.05 17.74 -17.70
CA ILE A 204 -3.99 18.17 -16.77
C ILE A 204 -3.29 19.40 -17.36
N PRO A 205 -2.84 20.32 -16.49
CA PRO A 205 -2.15 21.51 -17.02
C PRO A 205 -0.91 21.12 -17.81
N VAL A 206 -0.67 21.86 -18.89
CA VAL A 206 0.48 21.62 -19.74
C VAL A 206 1.74 21.86 -18.92
N ASP A 207 1.65 22.80 -17.98
CA ASP A 207 2.77 23.14 -17.11
C ASP A 207 2.31 23.05 -15.66
N PRO A 208 2.90 22.14 -14.87
CA PRO A 208 2.54 21.96 -13.45
C PRO A 208 2.72 23.24 -12.65
N ASN A 209 3.67 24.06 -13.08
CA ASN A 209 3.94 25.33 -12.41
C ASN A 209 2.94 26.40 -12.79
N ASN A 210 2.04 26.08 -13.71
CA ASN A 210 0.99 26.99 -14.16
C ASN A 210 -0.30 26.17 -14.20
N PRO A 211 -0.85 25.86 -13.01
CA PRO A 211 -2.08 25.07 -12.85
C PRO A 211 -3.34 25.66 -13.50
N ASN A 212 -3.36 26.98 -13.70
CA ASN A 212 -4.51 27.62 -14.30
C ASN A 212 -4.29 28.00 -15.75
N GLY A 213 -3.18 27.54 -16.31
CA GLY A 213 -2.88 27.81 -17.70
C GLY A 213 -3.53 26.74 -18.56
N PRO A 214 -3.09 26.58 -19.82
CA PRO A 214 -3.65 25.57 -20.73
C PRO A 214 -3.56 24.14 -20.19
N LYS A 215 -4.60 23.35 -20.47
CA LYS A 215 -4.68 21.97 -20.04
C LYS A 215 -4.42 21.07 -21.24
N MET A 216 -4.42 19.77 -20.98
CA MET A 216 -4.19 18.78 -22.03
C MET A 216 -4.78 17.44 -21.59
N PRO A 217 -5.34 16.68 -22.55
CA PRO A 217 -5.93 15.38 -22.21
C PRO A 217 -4.84 14.42 -21.71
N PHE A 218 -5.19 13.62 -20.72
CA PHE A 218 -4.27 12.67 -20.14
C PHE A 218 -4.98 11.38 -19.80
N ARG A 219 -4.41 10.26 -20.25
CA ARG A 219 -4.93 8.93 -19.98
C ARG A 219 -3.87 8.21 -19.15
N GLN A 220 -4.11 8.17 -17.85
CA GLN A 220 -3.20 7.59 -16.88
C GLN A 220 -3.23 6.07 -16.75
N TYR A 221 -2.05 5.48 -16.79
CA TYR A 221 -1.86 4.04 -16.64
C TYR A 221 -0.75 4.00 -15.60
N HIS A 222 -1.11 3.57 -14.39
CA HIS A 222 -0.17 3.55 -13.31
C HIS A 222 0.87 2.44 -13.26
N ALA A 223 2.12 2.83 -13.50
CA ALA A 223 3.31 1.94 -13.47
C ALA A 223 3.18 0.59 -14.17
N PRO A 224 2.88 0.58 -15.49
CA PRO A 224 2.73 -0.67 -16.23
C PRO A 224 3.98 -1.53 -16.44
N PHE A 225 5.16 -0.96 -16.21
CA PHE A 225 6.41 -1.71 -16.40
C PHE A 225 7.18 -1.94 -15.12
N TYR A 226 6.81 -1.22 -14.07
CA TYR A 226 7.46 -1.32 -12.77
C TYR A 226 7.70 -2.75 -12.29
N GLY A 227 6.60 -3.51 -12.17
CA GLY A 227 6.67 -4.87 -11.68
C GLY A 227 7.65 -5.79 -12.37
N LYS A 228 7.72 -5.72 -13.70
CA LYS A 228 8.63 -6.60 -14.42
C LYS A 228 10.07 -6.12 -14.53
N THR A 229 10.32 -4.84 -14.31
CA THR A 229 11.67 -4.30 -14.45
C THR A 229 12.41 -3.92 -13.17
N THR A 230 11.68 -3.48 -12.16
CA THR A 230 12.29 -3.02 -10.92
C THR A 230 13.05 -4.06 -10.10
N LYS A 231 14.01 -3.57 -9.31
CA LYS A 231 14.77 -4.43 -8.44
C LYS A 231 13.91 -4.78 -7.24
N ARG A 232 13.88 -6.06 -6.90
CA ARG A 232 13.12 -6.53 -5.76
C ARG A 232 13.96 -6.23 -4.52
N PHE A 233 13.33 -6.22 -3.36
CA PHE A 233 14.03 -5.92 -2.11
C PHE A 233 14.61 -7.12 -1.38
N ALA A 234 13.73 -7.98 -0.86
CA ALA A 234 14.16 -9.15 -0.09
C ALA A 234 13.56 -10.49 -0.53
N THR A 235 12.76 -10.48 -1.59
CA THR A 235 12.16 -11.73 -2.07
C THR A 235 13.28 -12.58 -2.68
N GLN A 236 13.16 -13.90 -2.55
CA GLN A 236 14.18 -14.81 -3.04
C GLN A 236 13.74 -15.57 -4.28
N SER A 237 12.69 -15.09 -4.93
CA SER A 237 12.18 -15.75 -6.13
C SER A 237 11.07 -14.92 -6.74
N GLU A 238 10.60 -15.33 -7.92
CA GLU A 238 9.50 -14.65 -8.60
C GLU A 238 8.23 -15.31 -8.11
N HIS A 239 7.18 -14.50 -7.93
CA HIS A 239 5.91 -15.01 -7.45
C HIS A 239 4.87 -14.90 -8.54
N PHE A 240 4.04 -15.94 -8.66
CA PHE A 240 3.02 -15.97 -9.69
C PHE A 240 1.67 -16.41 -9.13
N LEU A 241 0.61 -15.96 -9.79
CA LEU A 241 -0.75 -16.30 -9.40
C LEU A 241 -1.36 -17.15 -10.49
N ALA A 242 -2.43 -17.85 -10.15
CA ALA A 242 -3.14 -18.69 -11.10
C ALA A 242 -3.83 -17.77 -12.11
N ASP A 243 -4.16 -18.29 -13.28
CA ASP A 243 -4.83 -17.48 -14.29
C ASP A 243 -6.20 -17.11 -13.73
N PRO A 244 -6.63 -15.85 -13.90
CA PRO A 244 -7.94 -15.47 -13.37
C PRO A 244 -9.05 -16.09 -14.22
N PRO A 245 -10.24 -16.29 -13.63
CA PRO A 245 -11.38 -16.87 -14.35
C PRO A 245 -11.65 -16.12 -15.65
N GLY A 246 -11.78 -16.87 -16.75
CA GLY A 246 -12.02 -16.25 -18.04
C GLY A 246 -10.77 -16.11 -18.89
N LEU A 247 -9.60 -16.26 -18.28
CA LEU A 247 -8.35 -16.14 -19.02
C LEU A 247 -7.49 -17.39 -19.04
N ARG A 248 -6.83 -17.58 -20.17
CA ARG A 248 -5.88 -18.66 -20.39
C ARG A 248 -6.33 -20.05 -19.90
N SER A 249 -5.52 -20.70 -19.06
CA SER A 249 -5.87 -22.05 -18.59
C SER A 249 -7.19 -22.09 -17.81
N ASN A 250 -7.65 -20.94 -17.35
CA ASN A 250 -8.88 -20.88 -16.59
C ASN A 250 -10.00 -20.18 -17.35
N ALA A 251 -9.87 -20.13 -18.67
CA ALA A 251 -10.88 -19.53 -19.52
C ALA A 251 -12.20 -20.28 -19.44
N ASP A 252 -12.13 -21.54 -19.03
CA ASP A 252 -13.31 -22.39 -18.93
C ASP A 252 -14.09 -22.23 -17.62
N GLU A 253 -13.60 -21.37 -16.72
CA GLU A 253 -14.27 -21.17 -15.44
C GLU A 253 -15.38 -20.14 -15.57
N THR A 254 -16.32 -20.45 -16.45
CA THR A 254 -17.43 -19.56 -16.73
C THR A 254 -18.42 -19.41 -15.57
N ALA A 255 -18.72 -20.51 -14.87
CA ALA A 255 -19.64 -20.46 -13.74
C ALA A 255 -19.07 -19.51 -12.67
N GLU A 256 -17.76 -19.64 -12.43
CA GLU A 256 -17.07 -18.80 -11.47
C GLU A 256 -17.14 -17.34 -11.91
N TYR A 257 -16.78 -17.08 -13.17
CA TYR A 257 -16.82 -15.72 -13.68
C TYR A 257 -18.23 -15.09 -13.63
N ASP A 258 -19.23 -15.82 -14.10
CA ASP A 258 -20.61 -15.31 -14.11
C ASP A 258 -21.08 -14.99 -12.70
N ASP A 259 -20.72 -15.84 -11.74
CA ASP A 259 -21.12 -15.60 -10.37
C ASP A 259 -20.37 -14.39 -9.82
N ALA A 260 -19.11 -14.22 -10.24
CA ALA A 260 -18.30 -13.08 -9.82
C ALA A 260 -18.97 -11.78 -10.28
N VAL A 261 -19.54 -11.81 -11.48
CA VAL A 261 -20.25 -10.65 -12.05
C VAL A 261 -21.46 -10.33 -11.17
N ARG A 262 -22.23 -11.37 -10.85
CA ARG A 262 -23.42 -11.25 -10.01
C ARG A 262 -23.05 -10.64 -8.65
N VAL A 263 -22.06 -11.23 -8.00
CA VAL A 263 -21.58 -10.77 -6.71
C VAL A 263 -21.06 -9.33 -6.80
N ALA A 264 -20.34 -9.02 -7.88
CA ALA A 264 -19.79 -7.68 -8.07
C ALA A 264 -20.90 -6.63 -8.07
N ILE A 265 -21.95 -6.88 -8.84
CA ILE A 265 -23.07 -5.95 -8.94
C ILE A 265 -23.78 -5.77 -7.60
N ALA A 266 -24.11 -6.88 -6.96
CA ALA A 266 -24.82 -6.84 -5.68
C ALA A 266 -24.03 -6.22 -4.53
N MET A 267 -22.75 -6.55 -4.44
CA MET A 267 -21.93 -6.05 -3.34
C MET A 267 -21.15 -4.75 -3.53
N GLY A 268 -20.90 -4.36 -4.78
CA GLY A 268 -20.13 -3.15 -5.01
C GLY A 268 -20.78 -2.01 -5.77
N GLY A 269 -22.09 -2.08 -5.99
CA GLY A 269 -22.77 -1.02 -6.71
C GLY A 269 -22.96 0.24 -5.90
N ALA A 270 -23.32 1.33 -6.56
CA ALA A 270 -23.55 2.62 -5.91
C ALA A 270 -24.65 2.47 -4.88
N GLN A 271 -24.57 3.27 -3.81
CA GLN A 271 -25.53 3.24 -2.71
C GLN A 271 -27.01 3.16 -3.10
N ALA A 272 -27.44 4.05 -3.98
CA ALA A 272 -28.85 4.12 -4.38
C ALA A 272 -29.32 3.17 -5.47
N LEU A 273 -28.46 2.29 -5.98
CA LEU A 273 -28.93 1.41 -7.04
C LEU A 273 -29.80 0.30 -6.47
N ASN A 274 -30.88 -0.02 -7.17
CA ASN A 274 -31.78 -1.07 -6.74
C ASN A 274 -31.11 -2.44 -6.67
N SER A 275 -30.05 -2.62 -7.45
CA SER A 275 -29.32 -3.88 -7.49
C SER A 275 -28.26 -4.01 -6.39
N THR A 276 -28.04 -2.95 -5.63
CA THR A 276 -27.05 -2.97 -4.57
C THR A 276 -27.64 -3.60 -3.31
N LYS A 277 -27.02 -4.71 -2.90
CA LYS A 277 -27.46 -5.48 -1.74
C LYS A 277 -26.52 -5.33 -0.54
N ARG A 278 -25.41 -4.63 -0.74
CA ARG A 278 -24.42 -4.38 0.31
C ARG A 278 -25.08 -3.61 1.45
N SER A 279 -24.67 -3.90 2.69
CA SER A 279 -25.23 -3.22 3.86
C SER A 279 -24.46 -1.95 4.22
N PRO A 280 -25.05 -1.08 5.05
CA PRO A 280 -24.36 0.14 5.46
C PRO A 280 -23.03 -0.18 6.14
N TRP A 281 -23.02 -1.24 6.96
CA TRP A 281 -21.79 -1.63 7.65
C TRP A 281 -20.75 -2.03 6.63
N GLN A 282 -21.16 -2.78 5.61
CA GLN A 282 -20.24 -3.20 4.57
C GLN A 282 -19.68 -2.00 3.80
N THR A 283 -20.48 -0.94 3.66
CA THR A 283 -20.00 0.27 3.00
C THR A 283 -18.85 0.81 3.86
N ALA A 284 -19.05 0.78 5.18
CA ALA A 284 -18.03 1.24 6.13
C ALA A 284 -16.75 0.43 5.98
N GLN A 285 -16.88 -0.90 5.90
CA GLN A 285 -15.72 -1.76 5.73
C GLN A 285 -14.99 -1.43 4.42
N GLY A 286 -15.76 -1.12 3.39
CA GLY A 286 -15.18 -0.77 2.10
C GLY A 286 -14.37 0.52 2.13
N LEU A 287 -14.94 1.58 2.69
CA LEU A 287 -14.27 2.88 2.77
C LEU A 287 -13.12 2.92 3.77
N TYR A 288 -13.27 2.19 4.87
CA TYR A 288 -12.27 2.12 5.94
C TYR A 288 -10.85 1.86 5.42
N TRP A 289 -10.72 0.90 4.51
CA TRP A 289 -9.43 0.52 3.97
C TRP A 289 -8.99 1.22 2.67
N ALA A 290 -9.79 2.17 2.21
CA ALA A 290 -9.51 2.87 0.96
C ALA A 290 -8.13 3.49 0.78
N TYR A 291 -7.92 4.69 1.34
CA TYR A 291 -6.64 5.41 1.21
C TYR A 291 -6.19 5.38 -0.25
N ASP A 292 -7.10 5.76 -1.15
CA ASP A 292 -6.80 5.73 -2.56
C ASP A 292 -6.11 6.99 -3.13
N GLY A 293 -5.02 7.38 -2.49
CA GLY A 293 -4.24 8.54 -2.91
C GLY A 293 -4.91 9.89 -2.77
N SER A 294 -5.84 10.01 -1.83
CA SER A 294 -6.58 11.25 -1.62
C SER A 294 -5.80 12.34 -0.89
N ASN A 295 -6.26 13.58 -1.06
CA ASN A 295 -5.66 14.74 -0.41
C ASN A 295 -5.68 14.54 1.11
N LEU A 296 -4.54 14.80 1.75
CA LEU A 296 -4.38 14.70 3.20
C LEU A 296 -4.47 13.26 3.75
N ILE A 297 -4.56 12.29 2.86
CA ILE A 297 -4.72 10.90 3.26
C ILE A 297 -3.59 9.99 2.74
N GLY A 298 -3.27 10.09 1.47
CA GLY A 298 -2.21 9.26 0.92
C GLY A 298 -2.69 7.92 0.38
N THR A 299 -1.77 6.96 0.32
CA THR A 299 -2.04 5.63 -0.22
C THR A 299 -2.15 4.55 0.85
N PRO A 300 -2.58 3.32 0.46
CA PRO A 300 -2.73 2.21 1.43
C PRO A 300 -1.52 1.96 2.34
N PRO A 301 -0.28 2.00 1.80
CA PRO A 301 0.88 1.76 2.68
C PRO A 301 0.86 2.69 3.91
N ARG A 302 0.31 3.89 3.77
CA ARG A 302 0.24 4.79 4.91
C ARG A 302 -0.67 4.22 5.99
N PHE A 303 -1.86 3.76 5.60
CA PHE A 303 -2.79 3.20 6.58
C PHE A 303 -2.21 1.95 7.25
N TYR A 304 -1.60 1.07 6.46
CA TYR A 304 -1.02 -0.15 7.00
C TYR A 304 0.03 0.18 8.07
N ASN A 305 0.81 1.23 7.84
CA ASN A 305 1.81 1.66 8.81
C ASN A 305 1.16 2.25 10.04
N GLN A 306 0.05 2.99 9.86
CA GLN A 306 -0.66 3.58 10.99
C GLN A 306 -1.12 2.46 11.92
N ILE A 307 -1.65 1.40 11.33
CA ILE A 307 -2.11 0.22 12.07
C ILE A 307 -0.92 -0.48 12.75
N VAL A 308 0.14 -0.72 11.99
CA VAL A 308 1.32 -1.38 12.54
C VAL A 308 1.94 -0.59 13.70
N ARG A 309 1.90 0.74 13.64
CA ARG A 309 2.40 1.57 14.72
C ARG A 309 1.64 1.22 16.00
N ARG A 310 0.30 1.14 15.91
CA ARG A 310 -0.52 0.80 17.06
C ARG A 310 -0.18 -0.59 17.59
N ILE A 311 -0.05 -1.55 16.68
CA ILE A 311 0.31 -2.93 17.05
C ILE A 311 1.65 -2.93 17.80
N ALA A 312 2.62 -2.21 17.26
CA ALA A 312 3.96 -2.10 17.83
C ALA A 312 3.95 -1.60 19.28
N VAL A 313 3.26 -0.48 19.50
CA VAL A 313 3.17 0.10 20.84
C VAL A 313 2.34 -0.78 21.77
N THR A 314 1.24 -1.30 21.25
CA THR A 314 0.37 -2.17 22.03
C THR A 314 1.13 -3.40 22.54
N TYR A 315 1.99 -3.96 21.70
CA TYR A 315 2.73 -5.16 22.06
C TYR A 315 4.22 -5.01 22.34
N LYS A 316 4.62 -3.82 22.76
CA LYS A 316 6.02 -3.55 23.06
C LYS A 316 6.43 -4.26 24.35
N LYS A 317 7.72 -4.57 24.47
CA LYS A 317 8.24 -5.26 25.63
C LYS A 317 8.43 -4.36 26.86
N GLU A 318 8.72 -3.08 26.64
CA GLU A 318 8.92 -2.16 27.76
C GLU A 318 8.03 -0.94 27.67
N GLU A 319 7.61 -0.45 28.84
CA GLU A 319 6.73 0.71 28.90
C GLU A 319 7.32 2.00 28.33
N ASP A 320 8.59 2.23 28.58
CA ASP A 320 9.24 3.45 28.11
C ASP A 320 9.44 3.52 26.59
N LEU A 321 8.72 4.44 25.96
CA LEU A 321 8.82 4.65 24.51
C LEU A 321 9.98 5.55 24.12
N ALA A 322 10.46 6.36 25.05
CA ALA A 322 11.54 7.29 24.76
C ALA A 322 12.97 6.79 24.93
N ASN A 323 13.25 6.09 26.02
CA ASN A 323 14.61 5.62 26.29
C ASN A 323 14.74 4.12 26.47
N SER A 324 14.24 3.36 25.51
CA SER A 324 14.31 1.92 25.59
C SER A 324 14.95 1.37 24.32
N GLU A 325 16.18 0.86 24.44
CA GLU A 325 16.84 0.30 23.28
C GLU A 325 16.10 -0.96 22.83
N VAL A 326 15.52 -1.67 23.80
CA VAL A 326 14.75 -2.88 23.50
C VAL A 326 13.61 -2.48 22.57
N ASN A 327 12.91 -1.40 22.87
CA ASN A 327 11.82 -0.91 22.03
C ASN A 327 12.34 -0.40 20.69
N ASN A 328 13.44 0.36 20.72
CA ASN A 328 14.02 0.89 19.49
C ASN A 328 14.36 -0.23 18.52
N ALA A 329 15.04 -1.26 19.03
CA ALA A 329 15.42 -2.41 18.22
C ALA A 329 14.18 -3.14 17.70
N ASP A 330 13.21 -3.34 18.59
CA ASP A 330 11.96 -4.01 18.26
C ASP A 330 11.28 -3.30 17.08
N PHE A 331 11.09 -1.99 17.19
CA PHE A 331 10.44 -1.20 16.15
C PHE A 331 11.26 -1.13 14.86
N ALA A 332 12.57 -0.92 14.98
CA ALA A 332 13.45 -0.85 13.82
C ALA A 332 13.34 -2.13 12.99
N ARG A 333 13.34 -3.26 13.68
CA ARG A 333 13.24 -4.55 13.01
C ARG A 333 11.83 -4.78 12.42
N LEU A 334 10.80 -4.56 13.23
CA LEU A 334 9.42 -4.75 12.78
C LEU A 334 9.11 -3.95 11.53
N PHE A 335 9.40 -2.65 11.55
CA PHE A 335 9.09 -1.82 10.40
C PHE A 335 9.92 -2.13 9.17
N ALA A 336 11.15 -2.58 9.36
CA ALA A 336 11.98 -2.95 8.22
C ALA A 336 11.32 -4.17 7.56
N LEU A 337 10.97 -5.17 8.37
CA LEU A 337 10.33 -6.39 7.85
C LEU A 337 9.02 -6.07 7.14
N VAL A 338 8.16 -5.33 7.83
CA VAL A 338 6.85 -4.94 7.32
C VAL A 338 6.90 -4.10 6.05
N ASP A 339 7.67 -3.02 6.06
CA ASP A 339 7.75 -2.18 4.88
C ASP A 339 8.50 -2.77 3.70
N VAL A 340 9.43 -3.69 3.95
CA VAL A 340 10.13 -4.35 2.85
C VAL A 340 9.12 -5.33 2.24
N ALA A 341 8.36 -6.00 3.10
CA ALA A 341 7.34 -6.94 2.64
C ALA A 341 6.29 -6.17 1.83
N CYS A 342 5.91 -5.00 2.30
CA CYS A 342 4.93 -4.16 1.61
C CYS A 342 5.49 -3.74 0.23
N THR A 343 6.77 -3.38 0.18
CA THR A 343 7.41 -2.99 -1.07
C THR A 343 7.35 -4.13 -2.08
N ASP A 344 7.82 -5.31 -1.69
CA ASP A 344 7.81 -6.46 -2.59
C ASP A 344 6.39 -6.90 -2.98
N ALA A 345 5.43 -6.68 -2.08
CA ALA A 345 4.03 -6.99 -2.35
C ALA A 345 3.57 -6.08 -3.48
N GLY A 346 3.96 -4.81 -3.41
CA GLY A 346 3.62 -3.84 -4.45
C GLY A 346 4.21 -4.22 -5.78
N ILE A 347 5.46 -4.68 -5.77
CA ILE A 347 6.16 -5.10 -6.98
C ILE A 347 5.45 -6.27 -7.68
N PHE A 348 5.23 -7.35 -6.96
CA PHE A 348 4.59 -8.52 -7.53
C PHE A 348 3.11 -8.37 -7.85
N SER A 349 2.37 -7.59 -7.07
CA SER A 349 0.96 -7.38 -7.39
C SER A 349 0.90 -6.57 -8.69
N TRP A 350 1.77 -5.57 -8.83
CA TRP A 350 1.80 -4.76 -10.05
C TRP A 350 2.29 -5.58 -11.24
N LYS A 351 3.26 -6.45 -11.02
CA LYS A 351 3.78 -7.31 -12.09
C LYS A 351 2.65 -8.18 -12.64
N GLU A 352 1.91 -8.82 -11.73
CA GLU A 352 0.80 -9.68 -12.14
C GLU A 352 -0.34 -8.88 -12.76
N LYS A 353 -0.64 -7.72 -12.16
CA LYS A 353 -1.71 -6.84 -12.65
C LYS A 353 -1.53 -6.56 -14.13
N TRP A 354 -0.36 -6.06 -14.50
CA TRP A 354 -0.07 -5.71 -15.87
C TRP A 354 0.20 -6.89 -16.79
N GLU A 355 0.62 -8.02 -16.21
CA GLU A 355 0.85 -9.22 -16.98
C GLU A 355 -0.50 -9.69 -17.53
N PHE A 356 -1.49 -9.80 -16.65
CA PHE A 356 -2.82 -10.25 -17.04
C PHE A 356 -3.70 -9.18 -17.67
N GLU A 357 -3.56 -7.94 -17.20
CA GLU A 357 -4.36 -6.81 -17.70
C GLU A 357 -5.86 -7.12 -17.63
N PHE A 358 -6.26 -7.76 -16.54
CA PHE A 358 -7.65 -8.13 -16.33
C PHE A 358 -8.48 -6.87 -16.06
N TRP A 359 -9.62 -6.73 -16.72
CA TRP A 359 -10.46 -5.56 -16.52
C TRP A 359 -11.10 -5.46 -15.16
N ARG A 360 -11.43 -4.24 -14.77
CA ARG A 360 -12.07 -3.95 -13.49
C ARG A 360 -13.56 -4.24 -13.59
N PRO A 361 -14.22 -4.52 -12.44
CA PRO A 361 -15.65 -4.80 -12.40
C PRO A 361 -16.55 -3.84 -13.17
N LEU A 362 -16.34 -2.53 -13.02
CA LEU A 362 -17.16 -1.55 -13.74
C LEU A 362 -17.22 -1.85 -15.24
N SER A 363 -16.04 -2.07 -15.83
CA SER A 363 -15.96 -2.38 -17.26
C SER A 363 -16.48 -3.79 -17.54
N GLY A 364 -16.14 -4.75 -16.69
CA GLY A 364 -16.62 -6.11 -16.88
C GLY A 364 -18.14 -6.19 -16.89
N VAL A 365 -18.77 -5.49 -15.95
CA VAL A 365 -20.22 -5.46 -15.85
C VAL A 365 -20.83 -4.69 -17.03
N ARG A 366 -20.32 -3.50 -17.31
CA ARG A 366 -20.83 -2.69 -18.41
C ARG A 366 -20.64 -3.33 -19.79
N ASP A 367 -19.42 -3.81 -20.04
CA ASP A 367 -19.05 -4.43 -21.32
C ASP A 367 -19.29 -5.93 -21.43
N ASP A 368 -19.98 -6.53 -20.46
CA ASP A 368 -20.24 -7.96 -20.52
C ASP A 368 -20.84 -8.35 -21.87
N GLY A 369 -21.82 -7.57 -22.32
CA GLY A 369 -22.44 -7.83 -23.61
C GLY A 369 -23.67 -8.71 -23.60
N ARG A 370 -23.83 -9.52 -22.56
CA ARG A 370 -25.00 -10.39 -22.47
C ARG A 370 -26.13 -9.66 -21.77
N PRO A 371 -27.28 -9.50 -22.46
CA PRO A 371 -28.46 -8.82 -21.94
C PRO A 371 -28.89 -9.22 -20.53
N ASP A 372 -28.77 -10.50 -20.21
CA ASP A 372 -29.19 -11.00 -18.91
C ASP A 372 -28.11 -11.14 -17.85
N HIS A 373 -26.89 -10.72 -18.17
CA HIS A 373 -25.78 -10.82 -17.22
C HIS A 373 -25.16 -9.46 -16.90
N GLY A 374 -24.94 -8.66 -17.94
CA GLY A 374 -24.31 -7.37 -17.74
C GLY A 374 -25.27 -6.25 -17.43
N ASP A 375 -24.70 -5.10 -17.14
CA ASP A 375 -25.45 -3.88 -16.85
C ASP A 375 -24.61 -2.75 -17.43
N PRO A 376 -24.91 -2.36 -18.68
CA PRO A 376 -24.19 -1.29 -19.39
C PRO A 376 -24.23 0.09 -18.73
N PHE A 377 -24.99 0.24 -17.65
CA PHE A 377 -25.12 1.53 -16.97
C PHE A 377 -24.85 1.42 -15.46
N TRP A 378 -24.19 0.34 -15.07
CA TRP A 378 -23.87 0.10 -13.68
C TRP A 378 -22.93 1.16 -13.16
N LEU A 379 -23.02 1.42 -11.86
CA LEU A 379 -22.18 2.39 -11.18
C LEU A 379 -21.72 1.73 -9.89
N THR A 380 -20.47 1.94 -9.54
CA THR A 380 -19.90 1.36 -8.32
C THR A 380 -19.94 2.36 -7.17
N LEU A 381 -19.67 1.87 -5.96
CA LEU A 381 -19.57 2.72 -4.79
C LEU A 381 -18.28 3.51 -5.12
N GLY A 382 -17.29 2.77 -5.62
CA GLY A 382 -16.03 3.35 -6.05
C GLY A 382 -14.97 3.69 -5.03
N ALA A 383 -13.76 3.94 -5.54
CA ALA A 383 -12.63 4.34 -4.72
C ALA A 383 -12.99 5.79 -4.36
N PRO A 384 -13.10 6.08 -3.06
CA PRO A 384 -13.46 7.44 -2.62
C PRO A 384 -12.46 8.54 -2.94
N ALA A 385 -12.98 9.63 -3.50
CA ALA A 385 -12.18 10.81 -3.83
C ALA A 385 -12.39 11.70 -2.61
N THR A 386 -11.67 11.40 -1.55
CA THR A 386 -11.79 12.12 -0.28
C THR A 386 -11.08 13.46 -0.26
N ASN A 387 -11.67 14.43 0.43
CA ASN A 387 -11.12 15.76 0.56
C ASN A 387 -10.96 16.45 -0.79
N THR A 388 -11.99 16.25 -1.62
CA THR A 388 -12.07 16.84 -2.93
C THR A 388 -13.54 16.78 -3.32
N ASN A 389 -13.90 17.55 -4.34
CA ASN A 389 -15.27 17.59 -4.82
C ASN A 389 -15.43 16.63 -6.02
N ASP A 390 -14.40 15.83 -6.27
CA ASP A 390 -14.42 14.87 -7.37
C ASP A 390 -15.25 13.64 -7.03
N ILE A 391 -15.77 12.99 -8.06
CA ILE A 391 -16.62 11.81 -7.92
C ILE A 391 -15.76 10.53 -7.75
N PRO A 392 -16.28 9.51 -7.01
CA PRO A 392 -15.53 8.27 -6.81
C PRO A 392 -15.07 7.72 -8.16
N PHE A 393 -13.95 7.00 -8.15
CA PHE A 393 -13.38 6.50 -9.38
C PHE A 393 -12.90 5.06 -9.28
N LYS A 394 -12.09 4.66 -10.26
CA LYS A 394 -11.51 3.33 -10.31
C LYS A 394 -10.03 3.54 -10.51
N PRO A 395 -9.19 2.92 -9.66
CA PRO A 395 -7.74 3.05 -9.76
C PRO A 395 -7.32 2.72 -11.20
N PRO A 396 -6.46 3.56 -11.79
CA PRO A 396 -5.95 3.43 -13.17
C PRO A 396 -4.95 2.30 -13.46
N PHE A 397 -5.34 1.07 -13.13
CA PHE A 397 -4.49 -0.10 -13.36
C PHE A 397 -5.38 -1.35 -13.28
N PRO A 398 -4.93 -2.48 -13.86
CA PRO A 398 -5.68 -3.74 -13.87
C PRO A 398 -6.18 -4.25 -12.52
N ALA A 399 -7.15 -5.14 -12.59
CA ALA A 399 -7.81 -5.71 -11.42
C ALA A 399 -7.17 -6.91 -10.73
N TYR A 400 -6.63 -7.85 -11.50
CA TYR A 400 -6.05 -9.07 -10.94
C TYR A 400 -4.53 -9.04 -10.80
N PRO A 401 -4.01 -9.10 -9.56
CA PRO A 401 -4.74 -9.18 -8.28
C PRO A 401 -4.94 -7.80 -7.66
N SER A 402 -5.65 -7.77 -6.55
CA SER A 402 -5.89 -6.52 -5.84
C SER A 402 -4.60 -6.08 -5.15
N GLY A 403 -4.24 -4.80 -5.33
CA GLY A 403 -3.06 -4.26 -4.69
C GLY A 403 -3.29 -4.25 -3.17
N HIS A 404 -4.46 -3.78 -2.76
CA HIS A 404 -4.82 -3.74 -1.34
C HIS A 404 -4.69 -5.13 -0.71
N ALA A 405 -5.28 -6.13 -1.35
CA ALA A 405 -5.24 -7.50 -0.87
C ALA A 405 -3.82 -8.02 -0.70
N THR A 406 -2.96 -7.76 -1.68
CA THR A 406 -1.57 -8.20 -1.61
C THR A 406 -0.81 -7.47 -0.52
N PHE A 407 -0.93 -6.14 -0.48
CA PHE A 407 -0.27 -5.33 0.55
C PHE A 407 -0.66 -5.86 1.92
N GLY A 408 -1.96 -6.06 2.13
CA GLY A 408 -2.48 -6.56 3.38
C GLY A 408 -1.98 -7.95 3.73
N GLY A 409 -1.95 -8.85 2.74
CA GLY A 409 -1.46 -10.20 2.98
C GLY A 409 -0.02 -10.16 3.47
N ALA A 410 0.81 -9.38 2.79
CA ALA A 410 2.23 -9.25 3.12
C ALA A 410 2.46 -8.60 4.49
N VAL A 411 1.86 -7.42 4.67
CA VAL A 411 1.99 -6.67 5.91
C VAL A 411 1.51 -7.45 7.12
N PHE A 412 0.28 -7.97 7.06
CA PHE A 412 -0.28 -8.68 8.19
C PHE A 412 0.28 -10.07 8.43
N GLN A 413 0.72 -10.75 7.38
CA GLN A 413 1.33 -12.06 7.58
C GLN A 413 2.69 -11.81 8.24
N MET A 414 3.38 -10.74 7.85
CA MET A 414 4.67 -10.38 8.44
C MET A 414 4.50 -10.10 9.94
N VAL A 415 3.47 -9.34 10.28
CA VAL A 415 3.16 -9.03 11.67
C VAL A 415 2.93 -10.34 12.43
N ARG A 416 2.13 -11.23 11.84
CA ARG A 416 1.84 -12.53 12.44
C ARG A 416 3.10 -13.36 12.71
N ARG A 417 3.95 -13.52 11.70
CA ARG A 417 5.19 -14.27 11.84
C ARG A 417 6.08 -13.65 12.93
N TYR A 418 6.11 -12.33 12.98
CA TYR A 418 6.91 -11.59 13.95
C TYR A 418 6.44 -11.74 15.40
N TYR A 419 5.13 -11.69 15.61
CA TYR A 419 4.56 -11.78 16.96
C TYR A 419 4.11 -13.14 17.47
N ASN A 420 4.17 -14.17 16.62
CA ASN A 420 3.77 -15.51 17.05
C ASN A 420 4.69 -15.96 18.18
N GLY A 421 4.10 -16.29 19.33
CA GLY A 421 4.86 -16.70 20.47
C GLY A 421 4.96 -15.59 21.51
N ARG A 422 4.80 -14.34 21.07
CA ARG A 422 4.86 -13.17 21.96
C ARG A 422 3.46 -12.72 22.41
N VAL A 423 2.58 -12.56 21.43
CA VAL A 423 1.21 -12.11 21.67
C VAL A 423 0.25 -13.28 21.95
N GLY A 424 0.59 -14.43 21.39
CA GLY A 424 -0.21 -15.62 21.56
C GLY A 424 0.49 -16.71 20.80
N THR A 425 -0.19 -17.82 20.53
CA THR A 425 0.42 -18.93 19.79
C THR A 425 -0.59 -19.47 18.77
N TRP A 426 -0.12 -19.73 17.56
CA TRP A 426 -0.98 -20.24 16.49
C TRP A 426 -0.12 -20.89 15.41
N LYS A 427 -0.75 -21.66 14.53
CA LYS A 427 -0.04 -22.27 13.41
C LYS A 427 0.26 -21.11 12.48
N ASP A 428 1.42 -21.14 11.83
CA ASP A 428 1.84 -20.07 10.91
C ASP A 428 0.78 -19.61 9.92
N ASP A 429 -0.11 -20.52 9.54
CA ASP A 429 -1.16 -20.21 8.57
C ASP A 429 -2.57 -20.24 9.13
N GLU A 430 -2.69 -20.08 10.44
CA GLU A 430 -3.99 -20.11 11.10
C GLU A 430 -4.22 -18.81 11.86
N PRO A 431 -5.49 -18.46 12.15
CA PRO A 431 -5.85 -17.24 12.88
C PRO A 431 -5.06 -16.95 14.14
N ASP A 432 -4.62 -15.71 14.25
CA ASP A 432 -3.84 -15.23 15.38
C ASP A 432 -4.74 -14.48 16.36
N ASN A 433 -4.15 -13.90 17.39
CA ASN A 433 -4.91 -13.15 18.39
C ASN A 433 -4.35 -11.73 18.57
N ILE A 434 -3.68 -11.22 17.55
CA ILE A 434 -3.11 -9.86 17.62
C ILE A 434 -4.22 -8.83 17.42
N ALA A 435 -4.95 -8.57 18.50
CA ALA A 435 -6.06 -7.63 18.51
C ALA A 435 -5.62 -6.19 18.72
N ILE A 436 -6.44 -5.26 18.25
CA ILE A 436 -6.18 -3.83 18.44
C ILE A 436 -7.52 -3.17 18.62
N ASP A 437 -7.53 -2.01 19.26
CA ASP A 437 -8.78 -1.28 19.46
C ASP A 437 -8.47 0.20 19.27
N MET A 438 -9.54 1.00 19.19
CA MET A 438 -9.43 2.44 18.99
C MET A 438 -8.69 2.76 17.69
N MET A 439 -8.87 1.91 16.69
CA MET A 439 -8.23 2.09 15.40
C MET A 439 -9.19 2.85 14.50
N ILE A 440 -8.75 4.03 14.09
CA ILE A 440 -9.55 4.90 13.23
C ILE A 440 -8.90 5.11 11.86
N SER A 441 -9.72 5.02 10.83
CA SER A 441 -9.28 5.24 9.46
C SER A 441 -9.57 6.69 9.14
N GLU A 442 -8.65 7.37 8.46
CA GLU A 442 -8.87 8.76 8.11
C GLU A 442 -9.98 8.91 7.06
N GLU A 443 -10.44 7.78 6.53
CA GLU A 443 -11.53 7.79 5.56
C GLU A 443 -12.86 7.93 6.29
N LEU A 444 -12.86 7.60 7.58
CA LEU A 444 -14.06 7.65 8.41
C LEU A 444 -13.64 8.14 9.81
N ASN A 445 -13.29 9.41 9.91
CA ASN A 445 -12.82 9.97 11.18
C ASN A 445 -13.55 11.20 11.72
N GLY A 446 -14.69 11.55 11.12
CA GLY A 446 -15.45 12.70 11.58
C GLY A 446 -14.79 14.04 11.27
N VAL A 447 -13.77 14.03 10.43
CA VAL A 447 -13.07 15.25 10.05
C VAL A 447 -12.98 15.37 8.53
N ASN A 448 -12.46 14.33 7.89
CA ASN A 448 -12.32 14.33 6.44
C ASN A 448 -13.69 14.33 5.78
N ARG A 449 -13.75 14.79 4.55
CA ARG A 449 -15.06 14.94 3.91
C ARG A 449 -15.07 14.90 2.40
N ASP A 450 -16.28 14.88 1.85
CA ASP A 450 -16.49 14.92 0.41
C ASP A 450 -16.93 16.37 0.20
N LEU A 451 -16.00 17.19 -0.27
CA LEU A 451 -16.20 18.62 -0.47
C LEU A 451 -17.25 19.03 -1.50
N ARG A 452 -17.81 20.21 -1.29
CA ARG A 452 -18.81 20.75 -2.19
C ARG A 452 -18.14 21.64 -3.24
N GLN A 453 -16.85 21.88 -3.05
CA GLN A 453 -16.06 22.71 -3.96
C GLN A 453 -14.62 22.17 -3.91
N PRO A 454 -13.78 22.55 -4.88
CA PRO A 454 -12.39 22.06 -4.89
C PRO A 454 -11.64 22.32 -3.58
N TYR A 455 -10.77 21.39 -3.23
CA TYR A 455 -9.98 21.47 -2.02
C TYR A 455 -9.12 22.75 -1.99
N ASP A 456 -9.09 23.39 -0.83
CA ASP A 456 -8.31 24.60 -0.59
C ASP A 456 -7.11 24.23 0.29
N PRO A 457 -5.91 24.11 -0.31
CA PRO A 457 -4.68 23.77 0.41
C PRO A 457 -4.19 24.81 1.41
N THR A 458 -4.81 25.98 1.44
CA THR A 458 -4.40 27.03 2.36
C THR A 458 -5.29 27.07 3.60
N ALA A 459 -6.32 26.24 3.64
CA ALA A 459 -7.23 26.24 4.78
C ALA A 459 -7.39 24.85 5.39
N PRO A 460 -7.62 24.78 6.72
CA PRO A 460 -7.79 23.47 7.34
C PRO A 460 -9.04 22.82 6.76
N ILE A 461 -9.02 21.50 6.64
CA ILE A 461 -10.14 20.77 6.07
C ILE A 461 -11.48 21.05 6.74
N GLU A 462 -11.48 21.22 8.05
CA GLU A 462 -12.73 21.46 8.77
C GLU A 462 -13.39 22.82 8.49
N ASP A 463 -12.67 23.71 7.81
CA ASP A 463 -13.23 25.02 7.46
C ASP A 463 -13.78 25.01 6.04
N GLN A 464 -13.80 23.84 5.42
CA GLN A 464 -14.27 23.70 4.04
C GLN A 464 -15.59 22.93 3.98
N PRO A 465 -16.62 23.52 3.34
CA PRO A 465 -17.94 22.88 3.21
C PRO A 465 -17.88 21.53 2.50
N GLY A 466 -18.54 20.54 3.09
CA GLY A 466 -18.57 19.22 2.51
C GLY A 466 -19.32 18.28 3.44
N ILE A 467 -19.55 17.05 3.00
CA ILE A 467 -20.24 16.08 3.83
C ILE A 467 -19.17 15.34 4.60
N VAL A 468 -19.23 15.45 5.93
CA VAL A 468 -18.26 14.82 6.83
C VAL A 468 -18.41 13.31 6.90
N ARG A 469 -17.28 12.61 6.87
CA ARG A 469 -17.24 11.15 6.95
C ARG A 469 -17.45 10.77 8.41
N THR A 470 -18.43 9.89 8.66
CA THR A 470 -18.75 9.43 10.01
C THR A 470 -17.53 8.85 10.70
N ARG A 471 -17.32 9.23 11.95
CA ARG A 471 -16.19 8.76 12.73
C ARG A 471 -16.49 7.37 13.27
N ILE A 472 -15.72 6.38 12.82
CA ILE A 472 -15.91 5.00 13.26
C ILE A 472 -14.64 4.50 13.94
N VAL A 473 -14.76 4.18 15.22
CA VAL A 473 -13.63 3.67 16.00
C VAL A 473 -13.75 2.15 16.02
N ARG A 474 -12.74 1.47 15.49
CA ARG A 474 -12.78 0.03 15.38
C ARG A 474 -11.88 -0.75 16.34
N HIS A 475 -12.27 -2.00 16.53
CA HIS A 475 -11.52 -2.96 17.32
C HIS A 475 -11.44 -4.17 16.39
N PHE A 476 -10.30 -4.84 16.36
CA PHE A 476 -10.11 -6.01 15.53
C PHE A 476 -9.54 -7.10 16.44
N ASP A 477 -9.92 -8.35 16.19
CA ASP A 477 -9.45 -9.47 17.01
C ASP A 477 -8.11 -10.02 16.60
N SER A 478 -7.72 -9.77 15.35
CA SER A 478 -6.46 -10.33 14.89
C SER A 478 -6.00 -9.72 13.58
N ALA A 479 -4.76 -10.04 13.21
CA ALA A 479 -4.17 -9.60 11.95
C ALA A 479 -4.83 -10.39 10.82
N TRP A 480 -5.36 -11.57 11.16
CA TRP A 480 -6.05 -12.43 10.19
C TRP A 480 -7.32 -11.68 9.76
N GLU A 481 -8.01 -11.07 10.73
CA GLU A 481 -9.21 -10.29 10.44
C GLU A 481 -8.88 -9.03 9.64
N LEU A 482 -7.85 -8.30 10.07
CA LEU A 482 -7.41 -7.10 9.37
C LEU A 482 -7.12 -7.44 7.92
N MET A 483 -6.35 -8.50 7.71
CA MET A 483 -5.99 -8.98 6.38
C MET A 483 -7.24 -9.29 5.55
N PHE A 484 -8.17 -10.02 6.16
CA PHE A 484 -9.42 -10.39 5.48
C PHE A 484 -10.28 -9.19 5.10
N GLU A 485 -10.58 -8.33 6.07
CA GLU A 485 -11.42 -7.17 5.80
C GLU A 485 -10.80 -6.23 4.78
N ASN A 486 -9.48 -6.04 4.87
CA ASN A 486 -8.76 -5.18 3.93
C ASN A 486 -8.98 -5.67 2.50
N ALA A 487 -8.94 -6.98 2.32
CA ALA A 487 -9.14 -7.61 1.03
C ALA A 487 -10.57 -7.44 0.51
N ILE A 488 -11.55 -7.82 1.32
CA ILE A 488 -12.96 -7.73 0.89
C ILE A 488 -13.50 -6.30 0.77
N SER A 489 -12.79 -5.32 1.33
CA SER A 489 -13.20 -3.92 1.25
C SER A 489 -13.35 -3.50 -0.21
N ARG A 490 -12.46 -4.00 -1.07
CA ARG A 490 -12.48 -3.69 -2.49
C ARG A 490 -13.68 -4.27 -3.23
N ILE A 491 -14.25 -5.35 -2.67
CA ILE A 491 -15.43 -5.98 -3.24
C ILE A 491 -16.60 -5.05 -2.95
N PHE A 492 -16.65 -4.56 -1.71
CA PHE A 492 -17.72 -3.64 -1.29
C PHE A 492 -17.69 -2.33 -2.07
N LEU A 493 -16.48 -1.88 -2.44
CA LEU A 493 -16.33 -0.65 -3.21
C LEU A 493 -16.65 -0.89 -4.70
N GLY A 494 -16.67 -2.15 -5.11
CA GLY A 494 -16.96 -2.46 -6.50
C GLY A 494 -15.79 -2.25 -7.44
N VAL A 495 -14.59 -2.14 -6.88
CA VAL A 495 -13.39 -1.94 -7.69
C VAL A 495 -12.62 -3.23 -7.96
N HIS A 496 -13.03 -4.32 -7.31
CA HIS A 496 -12.35 -5.60 -7.51
C HIS A 496 -13.29 -6.80 -7.49
N TRP A 497 -12.93 -7.80 -8.28
CA TRP A 497 -13.68 -9.06 -8.37
C TRP A 497 -13.28 -9.85 -7.12
N ARG A 498 -14.13 -10.80 -6.72
CA ARG A 498 -13.85 -11.61 -5.55
C ARG A 498 -12.50 -12.34 -5.64
N PHE A 499 -12.20 -12.85 -6.82
CA PHE A 499 -10.94 -13.57 -7.04
C PHE A 499 -9.69 -12.68 -7.08
N ASP A 500 -9.88 -11.36 -7.07
CA ASP A 500 -8.76 -10.44 -7.04
C ASP A 500 -8.23 -10.42 -5.61
N ALA A 501 -9.12 -10.75 -4.67
CA ALA A 501 -8.77 -10.77 -3.25
C ALA A 501 -8.19 -12.12 -2.87
N ALA A 502 -8.96 -13.17 -3.14
CA ALA A 502 -8.55 -14.53 -2.82
C ALA A 502 -9.50 -15.46 -3.55
N ALA A 503 -9.23 -16.77 -3.47
CA ALA A 503 -10.08 -17.75 -4.12
C ALA A 503 -11.46 -17.64 -3.47
N ALA A 504 -12.50 -17.51 -4.29
CA ALA A 504 -13.87 -17.41 -3.81
C ALA A 504 -14.18 -18.55 -2.83
N ARG A 505 -13.65 -19.73 -3.15
CA ARG A 505 -13.85 -20.92 -2.32
C ARG A 505 -13.32 -20.72 -0.89
N ASP A 506 -12.27 -19.93 -0.75
CA ASP A 506 -11.66 -19.69 0.55
C ASP A 506 -12.32 -18.61 1.39
N ILE A 507 -13.14 -17.76 0.78
CA ILE A 507 -13.77 -16.68 1.54
C ILE A 507 -15.30 -16.66 1.55
N LEU A 508 -15.93 -17.31 0.58
CA LEU A 508 -17.39 -17.32 0.50
C LEU A 508 -17.99 -18.65 0.95
N ILE A 509 -19.27 -18.60 1.34
CA ILE A 509 -20.01 -19.77 1.79
C ILE A 509 -20.53 -20.49 0.54
N PRO A 510 -20.16 -21.77 0.34
CA PRO A 510 -20.61 -22.53 -0.83
C PRO A 510 -22.06 -23.00 -0.79
N THR A 511 -22.54 -23.40 -1.96
CA THR A 511 -23.90 -23.93 -2.11
C THR A 511 -23.75 -25.25 -2.84
N THR A 512 -24.87 -25.89 -3.16
CA THR A 512 -24.85 -27.16 -3.87
C THR A 512 -24.44 -26.95 -5.33
N THR A 513 -24.50 -25.70 -5.80
CA THR A 513 -24.14 -25.35 -7.16
C THR A 513 -22.66 -24.96 -7.18
N LYS A 514 -21.88 -25.62 -8.04
CA LYS A 514 -20.46 -25.33 -8.11
C LYS A 514 -20.15 -23.91 -8.57
N ASP A 515 -19.22 -23.27 -7.87
CA ASP A 515 -18.78 -21.90 -8.18
C ASP A 515 -19.83 -20.82 -7.95
N VAL A 516 -20.98 -21.21 -7.41
CA VAL A 516 -22.05 -20.28 -7.11
C VAL A 516 -22.12 -20.28 -5.59
N TYR A 517 -21.93 -19.11 -4.99
CA TYR A 517 -21.92 -19.02 -3.54
C TYR A 517 -23.18 -18.48 -2.91
N ALA A 518 -23.32 -18.75 -1.62
CA ALA A 518 -24.46 -18.35 -0.82
C ALA A 518 -24.70 -16.86 -0.66
N VAL A 519 -25.98 -16.50 -0.65
CA VAL A 519 -26.40 -15.13 -0.46
C VAL A 519 -27.53 -15.23 0.55
N ASP A 520 -27.79 -14.15 1.27
CA ASP A 520 -28.86 -14.16 2.25
C ASP A 520 -30.21 -13.92 1.59
N ASN A 521 -31.23 -13.71 2.42
CA ASN A 521 -32.59 -13.46 1.97
C ASN A 521 -32.71 -12.25 1.03
N ASN A 522 -31.81 -11.27 1.20
CA ASN A 522 -31.83 -10.07 0.36
C ASN A 522 -30.90 -10.12 -0.84
N GLY A 523 -30.19 -11.23 -1.01
CA GLY A 523 -29.28 -11.35 -2.14
C GLY A 523 -27.86 -10.92 -1.85
N ALA A 524 -27.57 -10.58 -0.59
CA ALA A 524 -26.22 -10.18 -0.21
C ALA A 524 -25.34 -11.40 0.04
N THR A 525 -24.11 -11.34 -0.47
CA THR A 525 -23.13 -12.40 -0.33
C THR A 525 -22.76 -12.67 1.13
N VAL A 526 -22.71 -13.95 1.48
CA VAL A 526 -22.38 -14.37 2.83
C VAL A 526 -20.92 -14.82 2.83
N PHE A 527 -20.15 -14.31 3.79
CA PHE A 527 -18.74 -14.67 3.89
C PHE A 527 -18.49 -15.69 4.99
N GLN A 528 -17.38 -16.41 4.87
CA GLN A 528 -16.99 -17.40 5.87
C GLN A 528 -16.53 -16.63 7.10
N ASN A 529 -16.59 -17.27 8.26
CA ASN A 529 -16.16 -16.63 9.49
C ASN A 529 -14.65 -16.55 9.40
N VAL A 530 -14.08 -15.42 9.83
CA VAL A 530 -12.63 -15.21 9.80
C VAL A 530 -11.86 -16.35 10.45
N GLU A 531 -12.38 -16.87 11.55
CA GLU A 531 -11.74 -17.96 12.26
C GLU A 531 -11.60 -19.23 11.42
N ASP A 532 -12.45 -19.37 10.41
CA ASP A 532 -12.44 -20.56 9.55
C ASP A 532 -11.72 -20.40 8.22
N ILE A 533 -11.41 -19.16 7.85
CA ILE A 533 -10.76 -18.88 6.59
C ILE A 533 -9.32 -19.37 6.47
N ARG A 534 -9.06 -20.14 5.41
CA ARG A 534 -7.75 -20.69 5.10
C ARG A 534 -7.56 -20.48 3.60
N TYR A 535 -6.45 -19.83 3.22
CA TYR A 535 -6.19 -19.56 1.81
C TYR A 535 -5.44 -20.73 1.18
N THR A 536 -6.20 -21.79 0.90
CA THR A 536 -5.66 -23.03 0.36
C THR A 536 -5.98 -23.36 -1.10
N THR A 537 -7.02 -22.74 -1.66
CA THR A 537 -7.41 -23.02 -3.04
C THR A 537 -6.47 -22.41 -4.07
N ARG A 538 -5.80 -23.28 -4.82
CA ARG A 538 -4.84 -22.88 -5.84
C ARG A 538 -5.39 -23.16 -7.24
N GLY A 539 -4.77 -22.55 -8.24
CA GLY A 539 -5.20 -22.74 -9.62
C GLY A 539 -4.04 -22.91 -10.56
N THR A 540 -4.34 -23.16 -11.82
CA THR A 540 -3.32 -23.38 -12.83
C THR A 540 -2.90 -22.14 -13.62
N ARG A 541 -1.77 -22.25 -14.31
CA ARG A 541 -1.25 -21.19 -15.17
C ARG A 541 -0.98 -21.82 -16.52
N GLU A 542 -1.33 -21.11 -17.58
CA GLU A 542 -1.13 -21.56 -18.93
C GLU A 542 0.35 -21.70 -19.27
N ASP A 543 1.13 -20.73 -18.81
CA ASP A 543 2.57 -20.66 -19.06
C ASP A 543 3.50 -21.39 -18.09
N GLU A 544 3.00 -21.86 -16.97
CA GLU A 544 3.83 -22.54 -15.99
C GLU A 544 3.17 -23.79 -15.43
N GLU A 545 4.00 -24.76 -15.05
CA GLU A 545 3.51 -26.01 -14.50
C GLU A 545 3.22 -25.88 -13.02
N GLY A 546 2.20 -26.59 -12.54
CA GLY A 546 1.87 -26.58 -11.14
C GLY A 546 0.68 -25.75 -10.74
N LEU A 547 0.44 -25.67 -9.44
CA LEU A 547 -0.66 -24.90 -8.89
C LEU A 547 -0.10 -23.62 -8.25
N PHE A 548 -0.82 -22.52 -8.45
CA PHE A 548 -0.41 -21.22 -7.95
C PHE A 548 -1.52 -20.59 -7.13
N PRO A 549 -1.18 -19.64 -6.24
CA PRO A 549 -2.19 -18.98 -5.40
C PRO A 549 -3.16 -18.15 -6.25
N ILE A 550 -4.35 -17.91 -5.73
CA ILE A 550 -5.38 -17.13 -6.44
C ILE A 550 -5.67 -15.86 -5.63
N GLY A 551 -5.53 -14.71 -6.27
CA GLY A 551 -5.79 -13.46 -5.58
C GLY A 551 -4.62 -12.86 -4.83
N GLY A 552 -4.78 -11.61 -4.43
CA GLY A 552 -3.73 -10.90 -3.73
C GLY A 552 -3.36 -11.37 -2.33
N VAL A 553 -4.34 -11.77 -1.52
CA VAL A 553 -4.04 -12.20 -0.15
C VAL A 553 -3.00 -13.33 -0.09
N PRO A 554 -3.23 -14.44 -0.80
CA PRO A 554 -2.29 -15.57 -0.81
C PRO A 554 -0.91 -15.13 -1.30
N LEU A 555 -0.91 -14.27 -2.32
CA LEU A 555 0.34 -13.76 -2.88
C LEU A 555 1.13 -13.00 -1.81
N GLY A 556 0.45 -12.10 -1.11
CA GLY A 556 1.08 -11.32 -0.06
C GLY A 556 1.61 -12.21 1.05
N ILE A 557 0.80 -13.18 1.47
CA ILE A 557 1.18 -14.11 2.52
C ILE A 557 2.50 -14.80 2.15
N GLU A 558 2.58 -15.30 0.92
CA GLU A 558 3.78 -16.00 0.46
C GLU A 558 5.02 -15.12 0.42
N ILE A 559 4.84 -13.87 0.03
CA ILE A 559 5.94 -12.91 -0.02
C ILE A 559 6.47 -12.64 1.39
N ALA A 560 5.58 -12.40 2.33
CA ALA A 560 5.98 -12.16 3.73
C ALA A 560 6.72 -13.36 4.30
N ASP A 561 6.16 -14.55 4.13
CA ASP A 561 6.77 -15.79 4.62
C ASP A 561 8.17 -16.01 4.06
N GLU A 562 8.32 -15.83 2.75
CA GLU A 562 9.62 -16.00 2.11
C GLU A 562 10.66 -15.04 2.69
N ILE A 563 10.29 -13.77 2.78
CA ILE A 563 11.18 -12.75 3.31
C ILE A 563 11.58 -13.06 4.77
N PHE A 564 10.58 -13.35 5.59
CA PHE A 564 10.80 -13.67 7.00
C PHE A 564 11.67 -14.91 7.17
N ASN A 565 11.31 -15.98 6.46
CA ASN A 565 12.05 -17.24 6.53
C ASN A 565 13.53 -17.04 6.23
N ASN A 566 13.84 -16.13 5.31
CA ASN A 566 15.22 -15.86 4.95
C ASN A 566 15.89 -14.81 5.83
N GLY A 567 15.15 -14.35 6.84
CA GLY A 567 15.67 -13.37 7.78
C GLY A 567 15.98 -11.99 7.23
N LEU A 568 15.23 -11.55 6.21
CA LEU A 568 15.43 -10.24 5.59
C LEU A 568 16.84 -10.09 4.99
N LYS A 569 17.02 -10.69 3.82
CA LYS A 569 18.28 -10.65 3.11
C LYS A 569 17.99 -10.13 1.72
N PRO A 570 18.96 -9.45 1.09
CA PRO A 570 18.76 -8.90 -0.25
C PRO A 570 18.38 -9.95 -1.29
N THR A 571 17.59 -9.53 -2.26
CA THR A 571 17.21 -10.39 -3.37
C THR A 571 18.54 -10.65 -4.09
N PRO A 572 18.84 -11.92 -4.41
CA PRO A 572 20.10 -12.22 -5.10
C PRO A 572 20.19 -11.39 -6.39
N PRO A 573 21.30 -10.66 -6.58
CA PRO A 573 21.48 -9.84 -7.78
C PRO A 573 21.23 -10.63 -9.06
N GLU A 574 21.62 -11.91 -9.04
CA GLU A 574 21.45 -12.78 -10.21
C GLU A 574 20.00 -12.95 -10.63
N ILE A 575 19.07 -12.85 -9.69
CA ILE A 575 17.67 -13.02 -10.01
C ILE A 575 16.88 -11.72 -10.19
N GLN A 576 17.60 -10.59 -10.20
CA GLN A 576 16.97 -9.31 -10.41
C GLN A 576 16.68 -9.25 -11.91
N PRO A 577 15.63 -8.51 -12.32
CA PRO A 577 15.29 -8.39 -13.74
C PRO A 577 16.44 -7.79 -14.56
S SO4 B . -6.37 -2.01 -5.67
O1 SO4 B . -7.46 -1.29 -6.32
O2 SO4 B . -5.56 -2.74 -6.69
O3 SO4 B . -5.44 -1.05 -4.90
O4 SO4 B . -6.93 -2.93 -4.60
S SO4 C . 29.26 10.21 17.98
O1 SO4 C . 30.65 10.63 17.77
O2 SO4 C . 29.20 8.71 18.13
O3 SO4 C . 28.61 10.85 19.23
O4 SO4 C . 28.39 10.71 16.81
#